data_2YS6
#
_entry.id   2YS6
#
_cell.length_a   50.786
_cell.length_b   83.430
_cell.length_c   96.536
_cell.angle_alpha   90.00
_cell.angle_beta   90.00
_cell.angle_gamma   90.00
#
_symmetry.space_group_name_H-M   'P 21 21 21'
#
loop_
_entity.id
_entity.type
_entity.pdbx_description
1 polymer 'Phosphoribosylglycinamide synthetase'
2 non-polymer GLYCINE
3 non-polymer 'ADENOSINE MONOPHOSPHATE'
4 water water
#
_entity_poly.entity_id   1
_entity_poly.type   'polypeptide(L)'
_entity_poly.pdbx_seq_one_letter_code
;MGSSHHHHHHSSGENLYFQSHMNVLVIGRGGREHAIAWKAAQSPLVGKLYVAPGNPGIADVAELVHIDELDIEALVQFAK
QQAIDLTIVGPEAPLASGIVDRFMAEGLRIFGPSQRAALIEGSKAFAKELMKKYGIPTADHAAFTSYEEAKAYIEQKGAP
IVIKADGLAAGKGVTVAQTVEEALAAAKAALVDGQFGTAGSQVVIEEYLEGEEFSFMAFVNGEKVYPLAIAQDHKRAYDG
DEGPNTGGMGAYSPVPQISDEMMDAALEAILRPAAKALAAEGRPFLGVLYAGLMATANGPKVIEFNARFGDPEAQVVLPR
LKTDLVEAVLAVMDGKELELEWTDEAVLGVVLAAKGYPGAYERGAEIRGLDRISPDALLFHAGTKREGGAWYTNGGRVLL
LAAKGETLAKAKEKAYEQLAAIDCDGLFYRRDIGRRAIERASAAYTRMKGR
;
_entity_poly.pdbx_strand_id   A
#
# COMPACT_ATOMS: atom_id res chain seq x y z
N ASN A 15 10.93 -27.53 7.85
CA ASN A 15 11.03 -27.48 6.37
C ASN A 15 12.25 -26.67 5.88
N LEU A 16 12.07 -25.36 5.70
CA LEU A 16 13.18 -24.55 5.23
C LEU A 16 14.16 -24.11 6.32
N TYR A 17 15.43 -24.47 6.10
CA TYR A 17 16.60 -23.90 6.78
C TYR A 17 17.09 -22.55 6.15
N PHE A 18 17.28 -21.53 6.98
CA PHE A 18 18.12 -20.38 6.65
C PHE A 18 18.98 -20.03 7.86
N GLN A 19 19.96 -19.17 7.60
CA GLN A 19 20.92 -18.65 8.55
C GLN A 19 20.17 -17.91 9.66
N SER A 20 20.40 -18.33 10.92
CA SER A 20 19.91 -17.63 12.10
C SER A 20 20.81 -16.47 12.47
N HIS A 21 20.37 -15.56 13.29
CA HIS A 21 21.26 -14.51 13.89
C HIS A 21 21.80 -13.49 12.86
N MET A 22 20.81 -13.12 12.08
CA MET A 22 20.79 -12.26 10.94
C MET A 22 20.30 -10.93 11.38
N ASN A 23 21.14 -9.98 11.03
CA ASN A 23 20.81 -8.59 11.23
C ASN A 23 19.89 -8.08 10.09
N VAL A 24 18.79 -7.44 10.49
CA VAL A 24 17.78 -7.07 9.53
C VAL A 24 17.61 -5.56 9.63
N LEU A 25 17.54 -4.88 8.48
CA LEU A 25 17.20 -3.48 8.44
C LEU A 25 15.86 -3.26 7.74
N VAL A 26 14.96 -2.50 8.35
CA VAL A 26 13.73 -2.10 7.65
C VAL A 26 13.82 -0.64 7.28
N ILE A 27 13.52 -0.31 6.04
CA ILE A 27 13.49 1.11 5.62
C ILE A 27 12.07 1.81 5.68
N GLY A 28 11.98 2.97 6.30
CA GLY A 28 10.69 3.63 6.52
C GLY A 28 10.41 4.16 7.93
N ARG A 29 9.27 4.80 8.10
CA ARG A 29 8.91 5.62 9.23
C ARG A 29 7.42 5.45 9.67
N GLY A 30 6.66 4.55 9.03
CA GLY A 30 5.21 4.51 9.16
C GLY A 30 4.65 3.28 9.84
N GLY A 31 3.33 3.16 9.87
CA GLY A 31 2.66 1.99 10.47
C GLY A 31 2.94 0.68 9.75
N ARG A 32 3.02 0.71 8.42
CA ARG A 32 3.47 -0.46 7.63
C ARG A 32 4.83 -0.96 8.12
N GLU A 33 5.76 -0.04 8.33
CA GLU A 33 7.07 -0.39 8.81
C GLU A 33 7.05 -0.81 10.29
N HIS A 34 6.19 -0.15 11.11
CA HIS A 34 5.98 -0.70 12.50
C HIS A 34 5.53 -2.20 12.43
N ALA A 35 4.58 -2.49 11.50
CA ALA A 35 4.06 -3.83 11.34
C ALA A 35 5.14 -4.78 10.79
N ILE A 36 5.87 -4.51 9.83
CA ILE A 36 6.98 -5.33 9.27
C ILE A 36 8.09 -5.52 10.31
N ALA A 37 8.45 -4.51 11.17
CA ALA A 37 9.43 -4.67 12.29
C ALA A 37 8.92 -5.57 13.42
N TRP A 38 7.66 -5.37 13.79
CA TRP A 38 7.00 -6.14 14.87
C TRP A 38 6.99 -7.56 14.49
N LYS A 39 6.62 -7.88 13.23
CA LYS A 39 6.70 -9.29 12.72
C LYS A 39 8.11 -9.95 12.65
N ALA A 40 9.04 -9.26 11.99
CA ALA A 40 10.45 -9.54 12.00
C ALA A 40 11.02 -9.85 13.40
N ALA A 41 10.69 -9.03 14.43
CA ALA A 41 11.26 -9.22 15.79
C ALA A 41 10.84 -10.54 16.36
N GLN A 42 9.82 -11.17 15.80
CA GLN A 42 9.35 -12.42 16.37
C GLN A 42 10.02 -13.65 15.67
N SER A 43 10.77 -13.39 14.61
CA SER A 43 11.45 -14.42 13.88
C SER A 43 12.59 -15.06 14.68
N PRO A 44 12.59 -16.42 14.82
CA PRO A 44 13.73 -17.09 15.47
C PRO A 44 15.07 -16.90 14.68
N LEU A 45 14.95 -16.39 13.44
CA LEU A 45 16.10 -16.08 12.53
C LEU A 45 16.80 -14.77 12.81
N VAL A 46 16.19 -13.89 13.57
CA VAL A 46 16.67 -12.55 13.60
C VAL A 46 17.45 -12.31 14.85
N GLY A 47 18.54 -11.56 14.68
CA GLY A 47 19.51 -11.28 15.72
C GLY A 47 19.32 -9.88 16.16
N LYS A 48 19.57 -8.95 15.27
CA LYS A 48 19.41 -7.50 15.47
C LYS A 48 18.49 -6.95 14.38
N LEU A 49 17.67 -5.96 14.72
CA LEU A 49 16.59 -5.42 13.90
C LEU A 49 16.72 -3.92 14.04
N TYR A 50 16.96 -3.25 12.93
CA TYR A 50 17.11 -1.80 12.83
C TYR A 50 15.96 -1.37 11.92
N VAL A 51 15.47 -0.15 12.16
CA VAL A 51 14.57 0.60 11.25
C VAL A 51 15.13 2.04 11.09
N ALA A 52 15.24 2.49 9.85
CA ALA A 52 15.78 3.77 9.45
C ALA A 52 14.73 4.47 8.56
N PRO A 53 14.17 5.61 9.00
CA PRO A 53 14.39 6.16 10.36
C PRO A 53 13.45 5.70 11.50
N GLY A 54 12.33 5.02 11.18
CA GLY A 54 11.36 4.53 12.16
C GLY A 54 10.74 5.71 12.84
N ASN A 55 10.20 5.47 14.05
CA ASN A 55 9.47 6.47 14.78
C ASN A 55 9.43 5.97 16.19
N PRO A 56 8.97 6.80 17.15
CA PRO A 56 9.07 6.35 18.55
C PRO A 56 8.22 5.12 18.95
N GLY A 57 7.10 4.79 18.30
CA GLY A 57 6.49 3.45 18.64
C GLY A 57 7.27 2.25 18.08
N ILE A 58 7.87 2.38 16.90
CA ILE A 58 8.77 1.39 16.38
C ILE A 58 9.97 1.10 17.29
N ALA A 59 10.51 2.11 18.01
CA ALA A 59 11.64 1.91 19.01
C ALA A 59 11.34 0.86 20.07
N ASP A 60 10.07 0.50 20.23
CA ASP A 60 9.70 -0.54 21.18
C ASP A 60 10.03 -1.92 20.69
N VAL A 61 10.09 -2.09 19.37
CA VAL A 61 10.29 -3.43 18.79
C VAL A 61 11.68 -3.52 18.08
N ALA A 62 12.39 -2.38 17.94
CA ALA A 62 13.61 -2.32 17.08
C ALA A 62 14.53 -1.13 17.41
N GLU A 63 15.77 -1.21 16.99
CA GLU A 63 16.65 -0.05 17.17
C GLU A 63 16.48 0.91 16.00
N LEU A 64 16.25 2.18 16.29
CA LEU A 64 16.08 3.15 15.28
C LEU A 64 17.46 3.62 14.83
N VAL A 65 17.52 3.98 13.54
CA VAL A 65 18.70 4.46 12.83
C VAL A 65 18.34 5.78 12.17
N HIS A 66 19.07 6.82 12.55
CA HIS A 66 18.70 8.16 12.17
C HIS A 66 19.21 8.57 10.79
N ILE A 67 18.75 7.83 9.78
CA ILE A 67 19.16 8.04 8.36
C ILE A 67 17.86 8.14 7.55
N ASP A 68 17.73 9.15 6.73
CA ASP A 68 16.64 9.27 5.81
C ASP A 68 16.55 8.06 4.87
N GLU A 69 15.30 7.68 4.52
CA GLU A 69 14.95 6.67 3.54
C GLU A 69 15.57 6.90 2.15
N LEU A 70 15.66 8.17 1.74
CA LEU A 70 16.29 8.55 0.47
C LEU A 70 17.83 8.78 0.55
N ASP A 71 18.46 8.56 1.71
CA ASP A 71 19.91 8.86 1.80
C ASP A 71 20.56 7.58 1.49
N ILE A 72 20.60 7.18 0.22
CA ILE A 72 20.91 5.82 -0.17
C ILE A 72 22.35 5.45 0.13
N GLU A 73 23.23 6.41 0.03
CA GLU A 73 24.64 6.22 0.30
C GLU A 73 24.96 6.00 1.78
N ALA A 74 24.32 6.77 2.67
CA ALA A 74 24.39 6.47 4.10
C ALA A 74 23.82 5.09 4.42
N LEU A 75 22.68 4.71 3.80
CA LEU A 75 22.05 3.43 4.08
C LEU A 75 22.97 2.31 3.60
N VAL A 76 23.61 2.48 2.44
CA VAL A 76 24.56 1.44 1.96
C VAL A 76 25.70 1.33 3.02
N GLN A 77 26.21 2.49 3.44
CA GLN A 77 27.35 2.50 4.36
C GLN A 77 26.94 1.95 5.73
N PHE A 78 25.78 2.39 6.27
CA PHE A 78 25.26 1.73 7.47
C PHE A 78 25.19 0.21 7.35
N ALA A 79 24.66 -0.28 6.21
CA ALA A 79 24.41 -1.72 6.05
C ALA A 79 25.66 -2.57 5.91
N LYS A 80 26.67 -2.03 5.24
CA LYS A 80 27.96 -2.73 5.12
C LYS A 80 28.56 -2.85 6.53
N GLN A 81 28.59 -1.72 7.21
CA GLN A 81 29.17 -1.59 8.52
C GLN A 81 28.47 -2.34 9.66
N GLN A 82 27.13 -2.27 9.73
CA GLN A 82 26.45 -3.09 10.72
C GLN A 82 26.13 -4.51 10.25
N ALA A 83 26.71 -4.89 9.11
CA ALA A 83 26.70 -6.29 8.65
C ALA A 83 25.25 -6.77 8.48
N ILE A 84 24.46 -5.95 7.77
CA ILE A 84 23.06 -6.31 7.52
C ILE A 84 22.90 -7.48 6.55
N ASP A 85 22.26 -8.53 7.01
CA ASP A 85 21.99 -9.71 6.18
C ASP A 85 20.75 -9.53 5.26
N LEU A 86 19.75 -8.77 5.72
CA LEU A 86 18.52 -8.54 4.93
C LEU A 86 18.01 -7.14 5.12
N THR A 87 17.86 -6.38 4.04
CA THR A 87 17.15 -5.12 4.08
C THR A 87 15.74 -5.26 3.48
N ILE A 88 14.69 -4.79 4.19
CA ILE A 88 13.32 -4.78 3.65
C ILE A 88 12.93 -3.29 3.53
N VAL A 89 12.48 -2.92 2.33
CA VAL A 89 12.13 -1.55 2.06
C VAL A 89 10.63 -1.34 2.20
N GLY A 90 10.28 -0.41 3.08
CA GLY A 90 8.87 -0.09 3.21
C GLY A 90 8.13 0.74 2.16
N PRO A 91 8.52 2.03 1.99
CA PRO A 91 7.81 2.97 1.10
C PRO A 91 8.29 2.91 -0.29
N GLU A 92 7.56 3.49 -1.23
CA GLU A 92 8.04 3.41 -2.59
C GLU A 92 9.22 4.35 -3.06
N ALA A 93 9.34 5.56 -2.51
CA ALA A 93 10.30 6.58 -3.01
C ALA A 93 11.76 6.03 -3.06
N PRO A 94 12.26 5.36 -1.97
CA PRO A 94 13.57 4.68 -2.01
C PRO A 94 13.68 3.72 -3.17
N LEU A 95 12.62 2.98 -3.44
CA LEU A 95 12.65 2.04 -4.58
C LEU A 95 12.74 2.84 -5.92
N ALA A 96 11.91 3.89 -6.07
CA ALA A 96 11.87 4.74 -7.29
C ALA A 96 13.24 5.44 -7.51
N SER A 97 13.96 5.63 -6.41
CA SER A 97 15.30 6.19 -6.41
C SER A 97 16.44 5.21 -6.59
N GLY A 98 16.17 3.89 -6.66
CA GLY A 98 17.25 2.96 -7.02
C GLY A 98 17.98 2.36 -5.80
N ILE A 99 17.36 2.28 -4.64
CA ILE A 99 18.06 1.65 -3.48
C ILE A 99 18.38 0.21 -3.77
N VAL A 100 17.50 -0.47 -4.51
CA VAL A 100 17.72 -1.88 -4.72
C VAL A 100 18.97 -2.09 -5.62
N ASP A 101 19.00 -1.40 -6.77
CA ASP A 101 20.15 -1.28 -7.63
C ASP A 101 21.47 -0.97 -6.88
N ARG A 102 21.48 0.13 -6.07
CA ARG A 102 22.66 0.42 -5.24
C ARG A 102 23.02 -0.73 -4.30
N PHE A 103 22.07 -1.22 -3.51
CA PHE A 103 22.34 -2.35 -2.62
C PHE A 103 22.91 -3.62 -3.35
N MET A 104 22.33 -4.01 -4.48
CA MET A 104 22.78 -5.20 -5.21
C MET A 104 24.21 -5.08 -5.72
N ALA A 105 24.54 -3.89 -6.26
CA ALA A 105 25.86 -3.54 -6.74
C ALA A 105 26.87 -3.54 -5.60
N GLU A 106 26.42 -3.19 -4.40
CA GLU A 106 27.29 -3.30 -3.24
C GLU A 106 27.35 -4.66 -2.63
N GLY A 107 26.62 -5.62 -3.20
CA GLY A 107 26.55 -6.96 -2.60
C GLY A 107 25.63 -7.10 -1.38
N LEU A 108 24.77 -6.11 -1.13
CA LEU A 108 23.83 -6.22 -0.02
C LEU A 108 22.47 -6.85 -0.40
N ARG A 109 22.07 -7.85 0.37
CA ARG A 109 20.80 -8.56 0.13
C ARG A 109 19.60 -7.68 0.53
N ILE A 110 18.53 -7.57 -0.41
CA ILE A 110 17.46 -6.57 -0.27
C ILE A 110 16.20 -7.21 -0.93
N PHE A 111 15.21 -6.93 -0.20
CA PHE A 111 13.94 -7.37 -0.73
C PHE A 111 13.16 -6.16 -1.21
N GLY A 112 13.03 -6.04 -2.52
CA GLY A 112 12.30 -4.90 -3.10
C GLY A 112 12.70 -4.81 -4.58
N PRO A 113 11.89 -4.12 -5.38
CA PRO A 113 12.22 -4.09 -6.85
C PRO A 113 13.30 -3.07 -7.20
N SER A 114 14.09 -3.39 -8.21
CA SER A 114 14.81 -2.42 -9.05
C SER A 114 13.99 -1.22 -9.43
N GLN A 115 14.70 -0.12 -9.61
CA GLN A 115 14.13 1.06 -10.20
C GLN A 115 13.36 0.76 -11.46
N ARG A 116 13.90 0.03 -12.40
CA ARG A 116 13.13 -0.37 -13.62
C ARG A 116 11.78 -1.19 -13.42
N ALA A 117 11.78 -2.07 -12.42
CA ALA A 117 10.63 -2.87 -12.04
C ALA A 117 9.67 -2.00 -11.24
N ALA A 118 10.19 -1.09 -10.41
CA ALA A 118 9.35 -0.27 -9.52
C ALA A 118 8.59 0.71 -10.28
N LEU A 119 8.96 0.87 -11.54
CA LEU A 119 8.22 1.71 -12.51
C LEU A 119 6.75 1.34 -12.69
N ILE A 120 6.41 0.08 -12.41
CA ILE A 120 5.02 -0.42 -12.37
C ILE A 120 4.10 0.45 -11.42
N GLU A 121 4.67 0.95 -10.30
CA GLU A 121 3.95 1.92 -9.50
C GLU A 121 4.19 3.41 -9.88
N GLY A 122 5.45 3.76 -10.08
CA GLY A 122 5.83 5.15 -10.38
C GLY A 122 5.15 5.80 -11.56
N SER A 123 4.90 5.03 -12.62
CA SER A 123 4.27 5.57 -13.80
C SER A 123 2.96 4.86 -14.13
N LYS A 124 1.84 5.51 -13.89
CA LYS A 124 0.54 4.86 -14.21
C LYS A 124 0.41 4.68 -15.72
N ALA A 125 1.04 5.56 -16.50
CA ALA A 125 1.10 5.39 -17.96
C ALA A 125 1.87 4.19 -18.36
N PHE A 126 3.02 3.99 -17.75
CA PHE A 126 3.75 2.77 -18.05
C PHE A 126 2.96 1.49 -17.69
N ALA A 127 2.28 1.47 -16.56
CA ALA A 127 1.49 0.30 -16.12
C ALA A 127 0.33 -0.01 -17.11
N LYS A 128 -0.37 1.02 -17.58
CA LYS A 128 -1.43 0.94 -18.59
C LYS A 128 -0.85 0.38 -19.91
N GLU A 129 0.21 1.00 -20.39
CA GLU A 129 0.99 0.49 -21.52
C GLU A 129 1.33 -1.03 -21.40
N LEU A 130 1.87 -1.48 -20.27
CA LEU A 130 2.25 -2.88 -20.07
C LEU A 130 1.03 -3.84 -20.05
N MET A 131 -0.04 -3.44 -19.36
CA MET A 131 -1.26 -4.24 -19.28
C MET A 131 -1.98 -4.33 -20.64
N LYS A 132 -1.99 -3.25 -21.40
CA LYS A 132 -2.49 -3.30 -22.78
C LYS A 132 -1.70 -4.26 -23.65
N LYS A 133 -0.37 -4.18 -23.60
CA LYS A 133 0.50 -5.02 -24.44
C LYS A 133 0.36 -6.48 -24.00
N TYR A 134 0.30 -6.74 -22.70
CA TYR A 134 0.13 -8.11 -22.26
C TYR A 134 -1.29 -8.66 -22.01
N GLY A 135 -2.37 -7.93 -22.32
CA GLY A 135 -3.78 -8.46 -22.21
C GLY A 135 -4.24 -8.52 -20.78
N ILE A 136 -3.75 -7.60 -19.96
CA ILE A 136 -4.08 -7.63 -18.55
C ILE A 136 -5.31 -6.78 -18.27
N PRO A 137 -6.35 -7.38 -17.65
CA PRO A 137 -7.54 -6.54 -17.50
C PRO A 137 -7.43 -5.36 -16.52
N THR A 138 -7.83 -4.19 -17.05
CA THR A 138 -7.77 -2.91 -16.41
C THR A 138 -8.76 -1.91 -17.04
N ALA A 139 -8.96 -0.77 -16.36
CA ALA A 139 -9.71 0.35 -16.95
C ALA A 139 -8.95 0.91 -18.11
N ASP A 140 -9.64 1.06 -19.24
CA ASP A 140 -9.15 1.75 -20.44
C ASP A 140 -8.62 3.11 -20.00
N HIS A 141 -7.58 3.63 -20.66
CA HIS A 141 -6.89 4.86 -20.21
C HIS A 141 -6.30 5.54 -21.38
N ALA A 142 -6.44 6.85 -21.49
CA ALA A 142 -5.83 7.47 -22.64
C ALA A 142 -5.65 8.95 -22.36
N ALA A 143 -4.59 9.54 -22.89
CA ALA A 143 -4.30 10.96 -22.62
C ALA A 143 -4.21 11.68 -23.94
N PHE A 144 -4.62 12.95 -23.90
CA PHE A 144 -4.79 13.73 -25.09
C PHE A 144 -4.35 15.15 -24.81
N THR A 145 -3.68 15.74 -25.79
CA THR A 145 -3.46 17.19 -25.81
C THR A 145 -4.39 17.87 -26.85
N SER A 146 -4.91 17.11 -27.80
CA SER A 146 -5.91 17.62 -28.75
C SER A 146 -7.39 17.50 -28.35
N TYR A 147 -8.09 18.62 -28.31
CA TYR A 147 -9.53 18.50 -28.08
C TYR A 147 -10.21 17.52 -29.06
N GLU A 148 -9.97 17.70 -30.35
CA GLU A 148 -10.69 16.97 -31.35
C GLU A 148 -10.44 15.48 -31.24
N GLU A 149 -9.22 15.09 -30.90
CA GLU A 149 -8.88 13.69 -30.56
C GLU A 149 -9.47 13.15 -29.23
N ALA A 150 -9.40 13.92 -28.15
CA ALA A 150 -10.17 13.64 -26.93
C ALA A 150 -11.60 13.37 -27.28
N LYS A 151 -12.18 14.23 -28.15
CA LYS A 151 -13.63 14.21 -28.44
C LYS A 151 -14.01 12.87 -29.08
N ALA A 152 -13.30 12.57 -30.21
CA ALA A 152 -13.51 11.36 -31.00
C ALA A 152 -13.37 10.08 -30.18
N TYR A 153 -12.44 10.08 -29.23
CA TYR A 153 -12.33 9.01 -28.25
C TYR A 153 -13.44 8.92 -27.21
N ILE A 154 -13.83 10.05 -26.57
CA ILE A 154 -14.97 10.08 -25.61
C ILE A 154 -16.23 9.45 -26.28
N GLU A 155 -16.41 9.74 -27.57
CA GLU A 155 -17.57 9.31 -28.38
C GLU A 155 -17.62 7.84 -28.87
N GLN A 156 -16.45 7.17 -28.92
CA GLN A 156 -16.39 5.71 -29.10
C GLN A 156 -16.68 4.97 -27.82
N LYS A 157 -16.19 5.50 -26.70
CA LYS A 157 -16.26 4.86 -25.40
C LYS A 157 -17.58 5.10 -24.68
N GLY A 158 -18.26 6.21 -24.98
CA GLY A 158 -19.55 6.51 -24.33
C GLY A 158 -19.46 6.81 -22.84
N ALA A 159 -20.60 7.01 -22.19
CA ALA A 159 -20.60 7.37 -20.78
C ALA A 159 -21.39 6.38 -19.92
N PRO A 160 -21.27 6.49 -18.57
CA PRO A 160 -20.37 7.26 -17.70
C PRO A 160 -18.85 7.10 -18.05
N ILE A 161 -18.04 8.14 -17.80
CA ILE A 161 -16.59 8.16 -18.18
C ILE A 161 -15.77 9.10 -17.26
N VAL A 162 -14.57 8.72 -16.84
CA VAL A 162 -13.78 9.60 -16.00
C VAL A 162 -12.97 10.57 -16.89
N ILE A 163 -13.01 11.86 -16.50
CA ILE A 163 -12.26 12.90 -17.18
C ILE A 163 -11.38 13.51 -16.10
N LYS A 164 -10.10 13.60 -16.37
CA LYS A 164 -9.18 14.08 -15.36
C LYS A 164 -8.35 15.24 -15.92
N ALA A 165 -8.38 16.36 -15.22
CA ALA A 165 -7.61 17.56 -15.60
C ALA A 165 -6.38 17.71 -14.71
N ASP A 166 -5.27 18.09 -15.32
CA ASP A 166 -4.01 18.42 -14.62
C ASP A 166 -4.05 19.91 -14.27
N GLY A 167 -3.76 20.21 -13.01
CA GLY A 167 -3.50 21.58 -12.52
C GLY A 167 -4.77 22.29 -12.13
N LYS A 172 -11.37 17.03 -7.59
CA LYS A 172 -11.40 18.49 -7.94
C LYS A 172 -11.34 18.71 -9.48
N GLY A 173 -10.24 18.30 -10.11
CA GLY A 173 -10.15 18.17 -11.56
C GLY A 173 -10.57 16.79 -12.07
N VAL A 174 -11.22 15.99 -11.22
CA VAL A 174 -11.75 14.68 -11.61
C VAL A 174 -13.29 14.75 -11.75
N THR A 175 -13.75 14.56 -12.97
CA THR A 175 -15.17 14.52 -13.19
C THR A 175 -15.55 13.11 -13.64
N VAL A 176 -16.50 12.49 -12.93
CA VAL A 176 -17.18 11.29 -13.49
C VAL A 176 -18.36 11.83 -14.25
N ALA A 177 -18.22 11.92 -15.57
CA ALA A 177 -19.20 12.49 -16.46
C ALA A 177 -20.22 11.43 -16.68
N GLN A 178 -21.47 11.73 -16.30
CA GLN A 178 -22.60 10.82 -16.48
C GLN A 178 -23.07 10.71 -17.94
N THR A 179 -22.88 11.70 -18.79
CA THR A 179 -23.30 11.65 -20.18
C THR A 179 -22.12 11.99 -21.11
N VAL A 180 -22.27 11.75 -22.39
CA VAL A 180 -21.25 12.09 -23.38
C VAL A 180 -21.07 13.61 -23.46
N GLU A 181 -22.18 14.37 -23.31
CA GLU A 181 -22.11 15.81 -23.52
C GLU A 181 -21.36 16.46 -22.40
N GLU A 182 -21.62 15.98 -21.19
CA GLU A 182 -20.93 16.42 -20.02
C GLU A 182 -19.41 16.07 -20.09
N ALA A 183 -19.09 14.88 -20.61
CA ALA A 183 -17.70 14.43 -20.71
C ALA A 183 -16.89 15.38 -21.61
N LEU A 184 -17.53 15.86 -22.67
CA LEU A 184 -16.94 16.73 -23.68
C LEU A 184 -16.76 18.11 -23.13
N ALA A 185 -17.80 18.61 -22.47
CA ALA A 185 -17.68 19.87 -21.73
C ALA A 185 -16.51 19.86 -20.69
N ALA A 186 -16.47 18.82 -19.80
CA ALA A 186 -15.34 18.57 -18.92
C ALA A 186 -13.93 18.42 -19.61
N ALA A 187 -13.84 17.68 -20.71
CA ALA A 187 -12.57 17.46 -21.49
C ALA A 187 -12.08 18.72 -22.19
N LYS A 188 -13.02 19.44 -22.78
CA LYS A 188 -12.76 20.81 -23.25
C LYS A 188 -12.23 21.79 -22.16
N ALA A 189 -12.90 21.87 -21.01
CA ALA A 189 -12.40 22.65 -19.89
C ALA A 189 -11.00 22.23 -19.41
N ALA A 190 -10.72 20.92 -19.47
CA ALA A 190 -9.46 20.37 -18.93
C ALA A 190 -8.27 20.88 -19.73
N LEU A 191 -8.48 21.02 -21.03
CA LEU A 191 -7.50 21.45 -22.00
C LEU A 191 -7.36 22.98 -22.02
N VAL A 192 -8.46 23.69 -21.75
CA VAL A 192 -8.55 25.15 -21.82
C VAL A 192 -8.11 25.69 -20.44
N ASP A 193 -8.50 25.06 -19.34
CA ASP A 193 -8.08 25.59 -18.03
C ASP A 193 -6.99 24.84 -17.25
N GLY A 194 -6.63 23.62 -17.63
CA GLY A 194 -5.67 22.87 -16.86
C GLY A 194 -4.26 23.43 -17.09
N GLN A 195 -3.28 22.93 -16.34
CA GLN A 195 -1.92 23.46 -16.40
C GLN A 195 -1.28 23.28 -17.80
N PHE A 196 -0.48 24.28 -18.18
CA PHE A 196 0.24 24.23 -19.45
C PHE A 196 1.61 23.62 -19.22
N GLY A 197 1.76 22.31 -19.47
CA GLY A 197 3.08 21.73 -19.30
C GLY A 197 3.97 22.05 -20.50
N THR A 198 5.15 21.41 -20.55
CA THR A 198 6.18 21.65 -21.58
C THR A 198 5.73 21.01 -22.92
N ALA A 199 4.74 20.13 -22.82
CA ALA A 199 4.08 19.53 -23.93
C ALA A 199 2.69 20.16 -24.18
N GLY A 200 2.38 21.29 -23.57
CA GLY A 200 1.02 21.81 -23.70
C GLY A 200 0.16 21.28 -22.56
N SER A 201 -1.13 21.61 -22.60
CA SER A 201 -2.06 20.99 -21.62
C SER A 201 -2.56 19.65 -22.11
N GLN A 202 -2.91 18.82 -21.16
CA GLN A 202 -3.32 17.50 -21.42
C GLN A 202 -4.56 17.09 -20.60
N VAL A 203 -5.35 16.22 -21.21
CA VAL A 203 -6.48 15.59 -20.52
C VAL A 203 -6.35 14.08 -20.43
N VAL A 204 -6.67 13.53 -19.25
CA VAL A 204 -6.71 12.06 -19.04
C VAL A 204 -8.14 11.53 -19.01
N ILE A 205 -8.41 10.54 -19.84
CA ILE A 205 -9.74 9.93 -19.92
C ILE A 205 -9.65 8.43 -19.50
N GLU A 206 -10.47 8.04 -18.54
CA GLU A 206 -10.47 6.69 -18.02
C GLU A 206 -11.83 6.00 -17.97
N GLU A 207 -11.83 4.69 -18.15
CA GLU A 207 -13.07 3.91 -18.10
C GLU A 207 -13.61 4.00 -16.69
N TYR A 208 -14.91 4.25 -16.50
CA TYR A 208 -15.41 4.17 -15.11
C TYR A 208 -15.72 2.71 -14.80
N LEU A 209 -15.31 2.25 -13.64
CA LEU A 209 -15.53 0.86 -13.32
C LEU A 209 -16.38 0.81 -12.13
N GLU A 210 -17.24 -0.19 -12.03
CA GLU A 210 -17.99 -0.37 -10.80
C GLU A 210 -17.74 -1.72 -10.21
N GLY A 211 -17.80 -1.79 -8.88
CA GLY A 211 -17.84 -3.04 -8.21
C GLY A 211 -17.06 -2.83 -6.96
N GLU A 212 -16.51 -3.88 -6.39
CA GLU A 212 -15.98 -3.82 -5.05
C GLU A 212 -14.48 -3.78 -5.14
N GLU A 213 -13.84 -2.78 -4.51
CA GLU A 213 -12.36 -2.68 -4.53
C GLU A 213 -11.69 -3.60 -3.53
N PHE A 214 -10.57 -4.17 -3.94
CA PHE A 214 -9.82 -5.03 -3.04
C PHE A 214 -8.34 -4.92 -3.31
N SER A 215 -7.54 -5.31 -2.34
CA SER A 215 -6.13 -5.17 -2.46
C SER A 215 -5.62 -6.58 -2.42
N PHE A 216 -4.91 -6.93 -3.47
CA PHE A 216 -4.31 -8.22 -3.64
C PHE A 216 -2.81 -8.06 -3.70
N MET A 217 -2.13 -8.31 -2.58
CA MET A 217 -0.62 -8.41 -2.54
C MET A 217 -0.05 -9.82 -2.67
N ALA A 218 1.17 -9.97 -3.18
CA ALA A 218 1.80 -11.21 -3.37
C ALA A 218 3.28 -10.91 -3.21
N PHE A 219 4.05 -11.85 -2.67
CA PHE A 219 5.53 -11.83 -2.83
C PHE A 219 5.81 -12.25 -4.24
N VAL A 220 6.72 -11.57 -4.88
CA VAL A 220 7.09 -11.87 -6.27
C VAL A 220 8.62 -11.96 -6.40
N ASN A 221 9.11 -12.95 -7.13
CA ASN A 221 10.54 -12.95 -7.59
C ASN A 221 10.55 -13.36 -9.02
N GLY A 222 10.67 -12.42 -9.94
CA GLY A 222 10.58 -12.80 -11.36
C GLY A 222 9.18 -13.31 -11.74
N GLU A 223 9.08 -14.49 -12.33
CA GLU A 223 7.79 -15.10 -12.65
C GLU A 223 7.10 -15.76 -11.49
N LYS A 224 7.82 -16.02 -10.39
CA LYS A 224 7.27 -16.66 -9.21
C LYS A 224 6.45 -15.71 -8.29
N VAL A 225 5.18 -16.11 -8.08
CA VAL A 225 4.19 -15.33 -7.43
C VAL A 225 3.68 -16.12 -6.27
N TYR A 226 3.69 -15.48 -5.10
CA TYR A 226 3.26 -16.13 -3.84
C TYR A 226 2.20 -15.25 -3.16
N PRO A 227 0.92 -15.58 -3.34
CA PRO A 227 -0.19 -14.68 -2.98
C PRO A 227 -0.31 -14.46 -1.47
N LEU A 228 -0.57 -13.21 -1.05
CA LEU A 228 -0.86 -13.00 0.37
C LEU A 228 -2.36 -13.07 0.45
N ALA A 229 -2.79 -13.04 1.76
CA ALA A 229 -4.21 -12.68 1.96
C ALA A 229 -4.60 -11.30 1.32
N ILE A 230 -5.89 -11.26 1.07
CA ILE A 230 -6.72 -10.24 0.43
C ILE A 230 -7.29 -9.29 1.49
N ALA A 231 -7.04 -8.01 1.30
CA ALA A 231 -7.50 -7.00 2.23
C ALA A 231 -8.40 -6.04 1.48
N GLN A 232 -9.25 -5.35 2.20
CA GLN A 232 -9.95 -4.23 1.62
C GLN A 232 -9.59 -2.92 2.38
N ASP A 233 -9.15 -1.92 1.67
CA ASP A 233 -8.79 -0.62 2.22
C ASP A 233 -9.98 0.36 2.02
N HIS A 234 -10.05 1.42 2.81
CA HIS A 234 -11.09 2.42 2.71
C HIS A 234 -10.33 3.74 2.48
N LYS A 235 -10.36 4.21 1.24
CA LYS A 235 -9.52 5.33 0.81
C LYS A 235 -10.09 6.70 1.07
N ARG A 236 -11.40 6.83 0.97
CA ARG A 236 -12.04 8.08 1.30
C ARG A 236 -11.95 8.42 2.78
N ALA A 237 -11.89 9.73 3.03
CA ALA A 237 -11.53 10.32 4.32
C ALA A 237 -12.61 10.09 5.35
N TYR A 238 -13.87 10.03 4.92
CA TYR A 238 -14.98 10.19 5.88
C TYR A 238 -15.98 9.09 5.79
N ASP A 239 -16.70 8.87 6.89
CA ASP A 239 -17.78 7.90 6.95
C ASP A 239 -18.67 7.99 5.71
N GLY A 240 -19.05 6.82 5.23
CA GLY A 240 -19.92 6.62 4.10
C GLY A 240 -19.19 6.89 2.82
N ASP A 241 -17.89 6.58 2.81
CA ASP A 241 -16.98 6.83 1.70
C ASP A 241 -17.14 8.26 1.04
N GLU A 242 -17.05 9.26 1.90
CA GLU A 242 -17.21 10.66 1.53
C GLU A 242 -15.86 11.34 1.61
N GLY A 243 -15.74 12.51 0.95
CA GLY A 243 -14.62 13.41 1.16
C GLY A 243 -13.52 13.01 0.20
N PRO A 244 -12.32 13.60 0.35
CA PRO A 244 -11.33 13.27 -0.68
C PRO A 244 -10.71 11.92 -0.41
N ASN A 245 -9.92 11.47 -1.36
CA ASN A 245 -9.14 10.27 -1.27
C ASN A 245 -7.91 10.42 -0.38
N THR A 246 -7.48 9.32 0.25
CA THR A 246 -6.38 9.40 1.24
C THR A 246 -5.39 8.29 0.94
N GLY A 247 -4.37 8.12 1.80
CA GLY A 247 -3.47 6.97 1.76
C GLY A 247 -4.17 5.68 2.21
N GLY A 248 -5.26 5.82 2.95
CA GLY A 248 -6.09 4.71 3.40
C GLY A 248 -6.51 5.00 4.82
N MET A 249 -7.80 4.95 5.10
CA MET A 249 -8.29 5.17 6.49
C MET A 249 -8.60 3.95 7.31
N GLY A 250 -8.49 2.75 6.75
CA GLY A 250 -8.64 1.55 7.56
C GLY A 250 -8.65 0.41 6.61
N ALA A 251 -8.67 -0.81 7.12
CA ALA A 251 -8.64 -1.95 6.25
C ALA A 251 -8.97 -3.20 7.09
N TYR A 252 -9.32 -4.29 6.43
CA TYR A 252 -9.44 -5.54 7.11
C TYR A 252 -9.12 -6.64 6.15
N SER A 253 -8.86 -7.81 6.73
CA SER A 253 -8.67 -9.04 5.98
C SER A 253 -9.22 -10.19 6.82
N PRO A 254 -9.84 -11.25 6.21
CA PRO A 254 -10.09 -11.45 4.76
C PRO A 254 -11.30 -10.62 4.33
N VAL A 255 -11.73 -10.77 3.10
CA VAL A 255 -12.78 -9.92 2.59
C VAL A 255 -13.81 -10.94 2.02
N PRO A 256 -14.78 -11.37 2.86
CA PRO A 256 -15.77 -12.42 2.50
C PRO A 256 -16.65 -12.14 1.32
N GLN A 257 -16.92 -10.90 1.02
CA GLN A 257 -17.70 -10.59 -0.17
C GLN A 257 -16.92 -10.66 -1.55
N ILE A 258 -15.65 -11.01 -1.54
CA ILE A 258 -14.91 -11.14 -2.81
C ILE A 258 -14.80 -12.62 -2.92
N SER A 259 -15.41 -13.21 -3.95
CA SER A 259 -15.45 -14.66 -4.06
C SER A 259 -14.04 -15.22 -4.22
N ASP A 260 -13.84 -16.49 -3.83
CA ASP A 260 -12.63 -17.23 -4.20
C ASP A 260 -12.32 -17.24 -5.70
N GLU A 261 -13.37 -17.24 -6.53
CA GLU A 261 -13.26 -17.24 -7.99
C GLU A 261 -12.67 -15.94 -8.48
N MET A 262 -13.17 -14.86 -7.93
CA MET A 262 -12.65 -13.51 -8.21
C MET A 262 -11.16 -13.49 -7.75
N MET A 263 -10.89 -13.98 -6.51
CA MET A 263 -9.50 -14.10 -6.05
C MET A 263 -8.63 -14.89 -7.07
N ASP A 264 -9.03 -16.13 -7.44
CA ASP A 264 -8.24 -16.89 -8.40
C ASP A 264 -8.14 -16.26 -9.79
N ALA A 265 -9.23 -15.60 -10.28
CA ALA A 265 -9.16 -14.93 -11.56
C ALA A 265 -8.05 -13.90 -11.49
N ALA A 266 -7.96 -13.13 -10.40
CA ALA A 266 -7.01 -12.04 -10.23
C ALA A 266 -5.57 -12.55 -10.12
N LEU A 267 -5.36 -13.64 -9.37
CA LEU A 267 -4.07 -14.32 -9.36
C LEU A 267 -3.61 -14.83 -10.74
N GLU A 268 -4.44 -15.60 -11.44
CA GLU A 268 -4.06 -16.09 -12.78
C GLU A 268 -4.20 -15.16 -13.93
N ALA A 269 -5.14 -14.22 -13.92
CA ALA A 269 -5.23 -13.23 -15.07
C ALA A 269 -4.54 -11.92 -14.79
N ILE A 270 -4.19 -11.66 -13.51
CA ILE A 270 -3.52 -10.39 -13.23
C ILE A 270 -2.11 -10.53 -12.67
N LEU A 271 -1.99 -11.06 -11.44
CA LEU A 271 -0.72 -11.07 -10.75
C LEU A 271 0.35 -11.90 -11.45
N ARG A 272 0.01 -13.14 -11.88
CA ARG A 272 0.97 -13.99 -12.60
C ARG A 272 1.33 -13.45 -13.94
N PRO A 273 0.34 -13.02 -14.74
CA PRO A 273 0.83 -12.32 -16.00
C PRO A 273 1.61 -10.96 -15.86
N ALA A 274 1.33 -10.13 -14.86
CA ALA A 274 2.16 -8.92 -14.62
C ALA A 274 3.57 -9.25 -14.25
N ALA A 275 3.77 -10.28 -13.44
CA ALA A 275 5.13 -10.66 -13.03
C ALA A 275 5.89 -11.16 -14.29
N LYS A 276 5.20 -11.99 -15.11
CA LYS A 276 5.75 -12.40 -16.40
C LYS A 276 6.06 -11.23 -17.35
N ALA A 277 5.17 -10.26 -17.45
CA ALA A 277 5.28 -9.16 -18.34
C ALA A 277 6.52 -8.32 -17.95
N LEU A 278 6.65 -8.07 -16.65
CA LEU A 278 7.80 -7.30 -16.14
C LEU A 278 9.11 -8.02 -16.45
N ALA A 279 9.20 -9.30 -16.13
CA ALA A 279 10.31 -10.12 -16.55
C ALA A 279 10.56 -10.15 -18.09
N ALA A 280 9.51 -10.22 -18.91
CA ALA A 280 9.71 -10.30 -20.37
C ALA A 280 10.22 -8.98 -20.90
N GLU A 281 9.99 -7.88 -20.16
CA GLU A 281 10.38 -6.57 -20.59
C GLU A 281 11.79 -6.21 -20.11
N GLY A 282 12.51 -7.19 -19.62
CA GLY A 282 13.79 -7.03 -18.89
C GLY A 282 13.73 -6.19 -17.63
N ARG A 283 12.59 -6.25 -16.92
CA ARG A 283 12.42 -5.63 -15.62
C ARG A 283 11.93 -6.61 -14.54
N PRO A 284 12.57 -7.79 -14.36
CA PRO A 284 11.89 -8.67 -13.39
C PRO A 284 11.75 -7.98 -12.01
N PHE A 285 10.67 -8.29 -11.32
CA PHE A 285 10.31 -7.70 -10.09
C PHE A 285 10.66 -8.65 -8.97
N LEU A 286 11.14 -8.06 -7.87
CA LEU A 286 11.41 -8.78 -6.63
C LEU A 286 10.76 -7.94 -5.54
N GLY A 287 9.98 -8.51 -4.64
CA GLY A 287 9.35 -7.69 -3.58
C GLY A 287 7.87 -7.96 -3.43
N VAL A 288 7.12 -6.97 -2.92
CA VAL A 288 5.71 -7.08 -2.81
C VAL A 288 5.13 -6.34 -4.01
N LEU A 289 4.38 -7.09 -4.81
CA LEU A 289 3.57 -6.57 -5.88
C LEU A 289 2.17 -6.38 -5.35
N TYR A 290 1.70 -5.14 -5.33
CA TYR A 290 0.44 -4.88 -4.69
C TYR A 290 -0.59 -4.48 -5.73
N ALA A 291 -1.52 -5.41 -6.04
CA ALA A 291 -2.52 -5.01 -7.02
C ALA A 291 -3.74 -4.34 -6.36
N GLY A 292 -3.98 -3.08 -6.76
CA GLY A 292 -5.20 -2.36 -6.28
C GLY A 292 -6.31 -2.74 -7.30
N LEU A 293 -7.31 -3.53 -6.87
CA LEU A 293 -8.29 -4.14 -7.80
C LEU A 293 -9.75 -3.73 -7.60
N MET A 294 -10.51 -3.86 -8.69
CA MET A 294 -11.96 -3.83 -8.69
C MET A 294 -12.54 -5.19 -9.11
N ALA A 295 -13.42 -5.72 -8.28
CA ALA A 295 -14.26 -6.86 -8.59
C ALA A 295 -15.46 -6.41 -9.43
N THR A 296 -15.39 -6.57 -10.75
CA THR A 296 -16.48 -6.04 -11.58
C THR A 296 -17.37 -7.21 -11.94
N ALA A 297 -18.56 -6.96 -12.52
CA ALA A 297 -19.33 -8.05 -13.22
C ALA A 297 -18.54 -8.91 -14.24
N ASN A 298 -17.54 -8.32 -14.85
CA ASN A 298 -16.76 -9.00 -15.88
C ASN A 298 -15.52 -9.67 -15.34
N GLY A 299 -15.38 -9.74 -14.01
CA GLY A 299 -14.11 -10.21 -13.42
C GLY A 299 -13.22 -9.08 -12.90
N PRO A 300 -12.08 -9.45 -12.30
CA PRO A 300 -11.31 -8.45 -11.56
C PRO A 300 -10.53 -7.56 -12.55
N LYS A 301 -10.42 -6.28 -12.26
CA LYS A 301 -9.74 -5.30 -13.13
C LYS A 301 -8.75 -4.45 -12.38
N VAL A 302 -7.54 -4.25 -12.93
CA VAL A 302 -6.56 -3.40 -12.21
C VAL A 302 -6.97 -1.95 -12.20
N ILE A 303 -6.92 -1.33 -11.02
CA ILE A 303 -7.00 0.15 -10.88
C ILE A 303 -5.59 0.80 -10.96
N GLU A 304 -4.73 0.31 -10.09
CA GLU A 304 -3.30 0.64 -10.08
C GLU A 304 -2.48 -0.55 -9.55
N PHE A 305 -1.20 -0.54 -9.82
CA PHE A 305 -0.27 -1.38 -9.19
C PHE A 305 0.55 -0.51 -8.27
N ASN A 306 0.95 -1.11 -7.15
CA ASN A 306 1.99 -0.65 -6.27
C ASN A 306 3.15 -1.70 -6.17
N ALA A 307 4.33 -1.20 -5.82
CA ALA A 307 5.56 -1.94 -5.84
C ALA A 307 6.10 -2.28 -4.43
N ARG A 308 5.24 -2.39 -3.44
CA ARG A 308 5.61 -2.50 -2.02
C ARG A 308 4.31 -2.82 -1.24
N PHE A 309 4.49 -3.13 0.05
CA PHE A 309 3.37 -3.36 0.93
C PHE A 309 2.52 -2.14 0.90
N GLY A 310 1.20 -2.36 0.85
CA GLY A 310 0.23 -1.33 1.11
C GLY A 310 0.19 -0.94 2.59
N ASP A 311 -0.22 0.30 2.80
CA ASP A 311 -0.39 0.93 4.10
C ASP A 311 -1.82 1.59 4.05
N PRO A 312 -2.79 1.10 4.86
CA PRO A 312 -2.72 0.21 5.98
C PRO A 312 -2.89 -1.30 5.79
N GLU A 313 -2.74 -1.81 4.57
CA GLU A 313 -2.84 -3.23 4.33
C GLU A 313 -1.82 -4.12 5.05
N ALA A 314 -0.56 -3.69 5.15
CA ALA A 314 0.39 -4.49 5.85
C ALA A 314 -0.09 -4.69 7.31
N GLN A 315 -0.62 -3.65 7.96
CA GLN A 315 -1.02 -3.67 9.41
C GLN A 315 -2.10 -4.67 9.66
N VAL A 316 -2.88 -5.00 8.61
CA VAL A 316 -3.97 -5.98 8.78
C VAL A 316 -3.73 -7.32 8.18
N VAL A 317 -2.77 -7.43 7.24
CA VAL A 317 -2.50 -8.69 6.59
C VAL A 317 -1.38 -9.40 7.37
N LEU A 318 -0.41 -8.62 7.79
CA LEU A 318 0.75 -9.24 8.40
C LEU A 318 0.40 -9.90 9.73
N PRO A 319 -0.49 -9.29 10.55
CA PRO A 319 -0.94 -10.09 11.76
C PRO A 319 -1.61 -11.46 11.49
N ARG A 320 -2.02 -11.75 10.27
CA ARG A 320 -2.73 -13.00 9.97
C ARG A 320 -1.77 -14.05 9.47
N LEU A 321 -0.53 -13.63 9.16
CA LEU A 321 0.42 -14.53 8.59
C LEU A 321 1.01 -15.40 9.71
N LYS A 322 0.82 -16.73 9.63
CA LYS A 322 1.43 -17.67 10.55
C LYS A 322 2.89 -17.89 10.24
N THR A 323 3.16 -18.06 8.96
CA THR A 323 4.50 -18.28 8.50
C THR A 323 5.35 -17.15 9.05
N ASP A 324 6.57 -17.55 9.40
CA ASP A 324 7.59 -16.56 9.77
C ASP A 324 7.88 -15.60 8.53
N LEU A 325 7.77 -14.29 8.75
CA LEU A 325 7.91 -13.30 7.71
C LEU A 325 9.33 -13.23 7.12
N VAL A 326 10.35 -13.27 7.97
CA VAL A 326 11.74 -13.32 7.54
C VAL A 326 12.03 -14.62 6.77
N GLU A 327 11.64 -15.78 7.30
CA GLU A 327 11.83 -16.98 6.46
C GLU A 327 11.14 -16.98 5.11
N ALA A 328 9.87 -16.50 5.07
CA ALA A 328 9.13 -16.34 3.78
C ALA A 328 9.82 -15.42 2.76
N VAL A 329 10.35 -14.30 3.24
CA VAL A 329 11.10 -13.37 2.40
C VAL A 329 12.37 -14.05 1.84
N LEU A 330 13.13 -14.73 2.72
CA LEU A 330 14.32 -15.41 2.29
C LEU A 330 13.98 -16.49 1.26
N ALA A 331 12.90 -17.27 1.51
CA ALA A 331 12.52 -18.34 0.60
C ALA A 331 12.18 -17.76 -0.75
N VAL A 332 11.36 -16.70 -0.76
CA VAL A 332 11.06 -15.93 -2.01
C VAL A 332 12.34 -15.44 -2.73
N MET A 333 13.20 -14.74 -2.03
CA MET A 333 14.47 -14.35 -2.64
C MET A 333 15.28 -15.50 -3.21
N ASP A 334 15.19 -16.70 -2.60
CA ASP A 334 15.88 -17.86 -3.14
C ASP A 334 15.16 -18.58 -4.23
N GLY A 335 13.97 -18.13 -4.55
CA GLY A 335 13.23 -18.82 -5.58
C GLY A 335 12.73 -20.19 -5.13
N LYS A 336 12.60 -20.37 -3.80
CA LYS A 336 12.16 -21.66 -3.20
C LYS A 336 10.65 -21.84 -3.11
N GLU A 337 10.21 -23.10 -3.14
CA GLU A 337 8.83 -23.43 -2.96
C GLU A 337 8.45 -23.05 -1.54
N LEU A 338 7.23 -22.55 -1.40
CA LEU A 338 6.69 -22.14 -0.12
C LEU A 338 5.19 -21.99 -0.30
N GLU A 339 4.44 -22.53 0.67
CA GLU A 339 3.04 -22.20 0.88
C GLU A 339 2.90 -21.39 2.20
N LEU A 340 2.28 -20.21 2.13
CA LEU A 340 2.07 -19.32 3.29
C LEU A 340 0.82 -19.81 4.05
N GLU A 341 0.91 -19.80 5.37
CA GLU A 341 -0.21 -20.23 6.18
C GLU A 341 -0.68 -19.01 6.94
N TRP A 342 -1.99 -18.92 7.14
CA TRP A 342 -2.71 -17.76 7.59
C TRP A 342 -3.62 -18.22 8.71
N THR A 343 -3.86 -17.35 9.70
CA THR A 343 -4.88 -17.65 10.71
C THR A 343 -6.29 -17.52 10.17
N ASP A 344 -7.23 -18.25 10.80
CA ASP A 344 -8.68 -18.13 10.48
C ASP A 344 -9.24 -16.83 10.91
N GLU A 345 -8.76 -16.33 12.02
CA GLU A 345 -9.13 -15.02 12.52
C GLU A 345 -9.01 -13.83 11.53
N ALA A 346 -10.01 -12.98 11.60
CA ALA A 346 -10.02 -11.76 10.85
C ALA A 346 -9.29 -10.71 11.68
N VAL A 347 -8.77 -9.74 10.96
CA VAL A 347 -8.14 -8.54 11.52
C VAL A 347 -8.67 -7.29 10.86
N LEU A 348 -9.08 -6.30 11.66
CA LEU A 348 -9.51 -5.02 11.13
C LEU A 348 -8.75 -3.93 11.81
N GLY A 349 -8.42 -2.87 11.05
CA GLY A 349 -7.62 -1.76 11.58
C GLY A 349 -8.24 -0.40 11.25
N VAL A 350 -8.21 0.53 12.20
CA VAL A 350 -8.66 1.89 12.05
C VAL A 350 -7.54 2.93 12.21
N VAL A 351 -7.42 3.79 11.23
CA VAL A 351 -6.44 4.87 11.24
C VAL A 351 -7.01 6.07 12.00
N LEU A 352 -6.25 6.61 12.94
CA LEU A 352 -6.45 7.92 13.53
C LEU A 352 -5.54 8.93 12.83
N ALA A 353 -6.15 9.94 12.25
CA ALA A 353 -5.41 10.93 11.39
C ALA A 353 -5.51 12.24 12.08
N ALA A 354 -4.60 13.16 11.76
CA ALA A 354 -4.64 14.53 12.25
C ALA A 354 -5.80 15.28 11.54
N LYS A 355 -6.71 15.89 12.28
CA LYS A 355 -7.75 16.78 11.73
C LYS A 355 -7.22 17.63 10.57
N GLY A 356 -8.00 17.69 9.49
CA GLY A 356 -7.55 18.30 8.25
C GLY A 356 -6.97 17.33 7.20
N TYR A 357 -6.30 16.25 7.62
CA TYR A 357 -5.75 15.31 6.65
C TYR A 357 -6.96 14.81 5.79
N PRO A 358 -6.77 14.60 4.45
CA PRO A 358 -5.52 14.62 3.65
C PRO A 358 -5.10 16.04 3.20
N GLY A 359 -5.82 17.05 3.69
CA GLY A 359 -5.35 18.43 3.55
C GLY A 359 -4.28 18.81 4.57
N ALA A 360 -4.16 20.14 4.76
CA ALA A 360 -3.30 20.75 5.76
C ALA A 360 -3.82 20.32 7.14
N TYR A 361 -2.89 19.87 7.98
CA TYR A 361 -3.28 19.27 9.29
C TYR A 361 -2.40 19.87 10.38
N GLU A 362 -2.91 19.81 11.58
CA GLU A 362 -2.15 20.42 12.66
C GLU A 362 -1.27 19.38 13.38
N ARG A 363 -0.02 19.73 13.67
CA ARG A 363 0.84 18.84 14.47
C ARG A 363 0.85 19.23 15.98
N GLY A 364 1.33 18.33 16.85
CA GLY A 364 1.59 18.73 18.21
C GLY A 364 0.47 18.67 19.19
N ALA A 365 -0.60 17.96 18.84
CA ALA A 365 -1.69 17.72 19.81
C ALA A 365 -1.34 16.55 20.69
N GLU A 366 -1.62 16.68 22.00
CA GLU A 366 -1.22 15.63 22.94
C GLU A 366 -2.13 14.43 22.84
N ILE A 367 -1.55 13.26 22.83
CA ILE A 367 -2.34 12.04 22.69
C ILE A 367 -2.37 11.31 24.03
N ARG A 368 -3.55 11.09 24.63
CA ARG A 368 -3.54 10.45 25.93
C ARG A 368 -4.15 9.09 25.76
N GLY A 369 -3.81 8.18 26.65
CA GLY A 369 -4.55 6.95 26.76
C GLY A 369 -3.91 5.81 26.02
N LEU A 370 -2.66 5.96 25.54
CA LEU A 370 -2.05 4.87 24.74
C LEU A 370 -1.75 3.67 25.63
N ASP A 371 -1.58 3.97 26.92
CA ASP A 371 -1.37 3.02 28.03
C ASP A 371 -2.61 2.22 28.40
N ARG A 372 -3.79 2.68 27.97
CA ARG A 372 -5.06 2.12 28.43
C ARG A 372 -5.51 1.01 27.53
N ILE A 373 -4.79 0.84 26.44
CA ILE A 373 -5.18 -0.05 25.38
C ILE A 373 -4.83 -1.49 25.78
N SER A 374 -5.73 -2.45 25.50
CA SER A 374 -5.52 -3.83 25.88
C SER A 374 -4.24 -4.36 25.22
N PRO A 375 -3.57 -5.37 25.84
CA PRO A 375 -2.26 -5.65 25.27
C PRO A 375 -2.25 -6.52 24.01
N ASP A 376 -3.41 -7.11 23.70
CA ASP A 376 -3.63 -7.88 22.49
C ASP A 376 -4.13 -7.00 21.34
N ALA A 377 -4.40 -5.71 21.62
CA ALA A 377 -4.70 -4.76 20.56
C ALA A 377 -3.36 -4.46 19.85
N LEU A 378 -3.42 -4.18 18.57
CA LEU A 378 -2.23 -3.91 17.82
C LEU A 378 -2.29 -2.43 17.48
N LEU A 379 -1.27 -1.73 17.95
CA LEU A 379 -1.18 -0.33 17.81
C LEU A 379 0.04 0.00 17.02
N PHE A 380 -0.18 0.31 15.75
CA PHE A 380 0.84 0.67 14.80
C PHE A 380 1.03 2.20 14.68
N HIS A 381 2.19 2.69 15.13
CA HIS A 381 2.52 4.13 15.07
C HIS A 381 2.94 4.55 13.65
N ALA A 382 2.30 5.61 13.10
CA ALA A 382 2.69 6.06 11.75
C ALA A 382 3.29 7.45 11.73
N GLY A 383 3.02 8.26 12.73
CA GLY A 383 3.24 9.75 12.71
C GLY A 383 3.08 10.36 14.12
N THR A 384 3.76 9.78 15.12
CA THR A 384 3.70 10.28 16.50
C THR A 384 5.05 10.88 16.91
N LYS A 385 5.06 11.74 17.92
CA LYS A 385 6.35 12.11 18.57
C LYS A 385 6.25 11.91 20.06
N ARG A 386 7.37 11.55 20.67
CA ARG A 386 7.53 11.28 22.13
C ARG A 386 8.31 12.47 22.68
N GLU A 387 7.83 13.12 23.74
CA GLU A 387 8.59 14.25 24.28
C GLU A 387 8.18 14.60 25.70
N GLY A 388 9.18 14.69 26.60
CA GLY A 388 8.93 14.91 28.02
C GLY A 388 8.00 13.85 28.60
N GLY A 389 8.18 12.60 28.21
CA GLY A 389 7.26 11.56 28.62
C GLY A 389 5.80 11.62 28.16
N ALA A 390 5.46 12.50 27.19
CA ALA A 390 4.12 12.45 26.57
C ALA A 390 4.17 12.19 25.05
N TRP A 391 3.01 11.91 24.46
CA TRP A 391 2.85 11.53 23.04
C TRP A 391 2.13 12.66 22.30
N TYR A 392 2.56 12.98 21.06
CA TYR A 392 1.99 14.11 20.32
C TYR A 392 1.84 13.70 18.92
N THR A 393 0.82 14.28 18.27
CA THR A 393 0.60 14.02 16.86
C THR A 393 1.72 14.68 16.06
N ASN A 394 2.25 13.99 15.07
CA ASN A 394 3.27 14.54 14.21
C ASN A 394 3.23 13.93 12.79
N GLY A 395 2.13 14.09 12.08
CA GLY A 395 2.08 13.55 10.74
C GLY A 395 0.63 13.39 10.37
N GLY A 396 0.30 13.04 9.13
CA GLY A 396 -1.12 13.09 8.70
C GLY A 396 -1.91 11.88 9.22
N ARG A 397 -1.43 10.67 8.90
CA ARG A 397 -1.88 9.46 9.56
C ARG A 397 -1.00 9.28 10.76
N VAL A 398 -1.58 9.07 11.95
CA VAL A 398 -0.84 9.12 13.20
C VAL A 398 -0.62 7.74 13.79
N LEU A 399 -1.71 6.96 13.83
CA LEU A 399 -1.74 5.64 14.41
C LEU A 399 -2.74 4.78 13.65
N LEU A 400 -2.57 3.48 13.74
CA LEU A 400 -3.63 2.53 13.34
C LEU A 400 -3.78 1.59 14.54
N LEU A 401 -5.02 1.43 14.98
CA LEU A 401 -5.38 0.32 15.84
C LEU A 401 -6.10 -0.82 15.11
N ALA A 402 -5.54 -2.03 15.23
CA ALA A 402 -6.16 -3.26 14.70
C ALA A 402 -6.53 -4.19 15.83
N ALA A 403 -7.63 -4.91 15.72
CA ALA A 403 -7.81 -6.09 16.54
C ALA A 403 -8.05 -7.40 15.74
N LYS A 404 -7.68 -8.53 16.33
CA LYS A 404 -8.04 -9.84 15.79
C LYS A 404 -9.46 -10.27 16.25
N GLY A 405 -10.14 -11.06 15.45
CA GLY A 405 -11.41 -11.57 15.93
C GLY A 405 -11.73 -12.88 15.26
N GLU A 406 -12.48 -13.73 15.98
CA GLU A 406 -12.90 -15.00 15.37
C GLU A 406 -13.66 -14.74 14.06
N THR A 407 -14.44 -13.67 14.05
CA THR A 407 -15.10 -13.20 12.83
C THR A 407 -14.71 -11.71 12.62
N LEU A 408 -15.02 -11.21 11.45
CA LEU A 408 -14.94 -9.81 11.08
C LEU A 408 -15.70 -8.83 12.00
N ALA A 409 -17.01 -9.08 12.24
CA ALA A 409 -17.81 -8.38 13.26
C ALA A 409 -17.12 -8.35 14.65
N LYS A 410 -16.60 -9.46 15.14
CA LYS A 410 -15.85 -9.44 16.40
C LYS A 410 -14.56 -8.57 16.37
N ALA A 411 -13.76 -8.70 15.28
CA ALA A 411 -12.60 -7.84 15.08
C ALA A 411 -13.07 -6.38 14.98
N LYS A 412 -14.12 -6.10 14.20
CA LYS A 412 -14.67 -4.73 14.18
C LYS A 412 -15.07 -4.15 15.59
N GLU A 413 -15.91 -4.87 16.31
CA GLU A 413 -16.23 -4.61 17.72
C GLU A 413 -15.02 -4.39 18.64
N LYS A 414 -14.09 -5.37 18.72
CA LYS A 414 -12.85 -5.16 19.47
C LYS A 414 -12.08 -3.89 19.12
N ALA A 415 -11.91 -3.64 17.82
CA ALA A 415 -11.07 -2.53 17.37
C ALA A 415 -11.70 -1.24 17.83
N TYR A 416 -12.99 -1.03 17.56
CA TYR A 416 -13.68 0.20 17.99
C TYR A 416 -13.79 0.43 19.51
N GLU A 417 -13.93 -0.65 20.29
CA GLU A 417 -14.03 -0.58 21.70
C GLU A 417 -12.73 -0.10 22.22
N GLN A 418 -11.61 -0.60 21.68
CA GLN A 418 -10.27 -0.21 22.15
C GLN A 418 -9.99 1.19 21.73
N LEU A 419 -10.36 1.55 20.51
CA LEU A 419 -10.09 2.90 20.00
C LEU A 419 -10.57 4.00 20.94
N ALA A 420 -11.64 3.75 21.68
CA ALA A 420 -12.31 4.79 22.43
C ALA A 420 -11.53 5.18 23.70
N ALA A 421 -10.50 4.42 24.02
CA ALA A 421 -9.62 4.67 25.14
C ALA A 421 -8.68 5.83 24.80
N ILE A 422 -8.63 6.21 23.53
CA ILE A 422 -7.68 7.28 23.13
C ILE A 422 -8.30 8.65 23.08
N ASP A 423 -7.72 9.59 23.81
CA ASP A 423 -8.19 10.95 23.75
C ASP A 423 -7.22 11.90 23.07
N CYS A 424 -7.69 12.58 22.06
CA CYS A 424 -6.88 13.51 21.36
C CYS A 424 -7.80 14.40 20.53
N ASP A 425 -7.75 15.68 20.82
CA ASP A 425 -8.69 16.59 20.22
C ASP A 425 -8.14 16.90 18.83
N GLY A 426 -6.87 16.58 18.61
CA GLY A 426 -6.26 16.72 17.28
C GLY A 426 -6.40 15.55 16.34
N LEU A 427 -7.24 14.56 16.64
CA LEU A 427 -7.31 13.35 15.78
C LEU A 427 -8.70 13.02 15.47
N PHE A 428 -8.92 12.36 14.34
CA PHE A 428 -10.23 11.81 14.08
C PHE A 428 -10.04 10.47 13.43
N TYR A 429 -11.15 9.73 13.26
CA TYR A 429 -11.15 8.42 12.62
C TYR A 429 -12.57 8.04 12.15
N ARG A 430 -12.65 7.21 11.08
CA ARG A 430 -13.92 6.65 10.58
C ARG A 430 -14.53 5.58 11.51
N ARG A 431 -15.86 5.68 11.64
CA ARG A 431 -16.61 4.74 12.48
C ARG A 431 -17.16 3.62 11.71
N ASP A 432 -16.94 3.65 10.39
CA ASP A 432 -17.59 2.66 9.49
C ASP A 432 -16.60 1.72 8.79
N ILE A 433 -15.39 1.55 9.33
CA ILE A 433 -14.47 0.54 8.74
C ILE A 433 -15.05 -0.84 8.87
N GLY A 434 -15.16 -1.55 7.76
CA GLY A 434 -15.79 -2.84 7.81
C GLY A 434 -17.29 -2.91 7.77
N ARG A 435 -18.00 -1.79 7.81
CA ARG A 435 -19.47 -1.76 7.93
C ARG A 435 -20.27 -2.51 6.85
N ARG A 436 -20.11 -2.10 5.58
CA ARG A 436 -20.48 -2.90 4.38
C ARG A 436 -20.07 -4.40 4.43
N ALA A 437 -18.82 -4.74 4.61
CA ALA A 437 -18.48 -6.15 4.72
C ALA A 437 -19.31 -6.97 5.74
N ILE A 438 -19.76 -6.35 6.81
CA ILE A 438 -20.57 -7.06 7.81
C ILE A 438 -22.09 -6.95 7.41
N GLU A 439 -22.41 -6.24 6.30
CA GLU A 439 -23.64 -5.76 5.67
C GLU A 439 -23.59 -5.97 4.16
#